data_5H2D
#
_entry.id   5H2D
#
_cell.length_a   61.129
_cell.length_b   47.207
_cell.length_c   73.000
_cell.angle_alpha   90.00
_cell.angle_beta   96.24
_cell.angle_gamma   90.00
#
_symmetry.space_group_name_H-M   'P 1 21 1'
#
loop_
_entity.id
_entity.type
_entity.pdbx_description
1 polymer KLLA0C04147p
2 non-polymer ERGOSTEROL
3 non-polymer 'SULFATE ION'
4 water water
#
_entity_poly.entity_id   1
_entity_poly.type   'polypeptide(L)'
_entity_poly.pdbx_seq_one_letter_code
;GAMGSTAEQKTKAKVLLEEGSFLGYEDKLRQRLKLGKDDRPSVSLWSVLKSMVGKDMTRMTLPVSFNEPTSLLQRVAEDL
EYADLLNQAASFEDSTLRLLYVAIFTVSSYASTVKRVAKPFNPLLGETFEYSRPDKSYRFFTEQVSHHPPISATWTESPK
WDFFGESFVDSKFNGRSFDFKHLGLWYLTIRPDSNGKEELYTYKKPNNQVVGILLGNPQVDNYGDVKIVNHNTGDYCMIH
FKARGWRSSSAYEVKGEVYNAKGGKEWIFGGRWNESVSAKKVLKPNSLEEMQVDELKHSVTHTSSGGPKYDGTRFNVWHV
NERPEFPFNLTKFAVTLNAPQPHLLPWLPPTDTRLRPDQRAMEEGRYDEAATEKHRVEERQRSVRKKREEKNITYQQRWF
KKEIHPVTKCDYWKFNGEYWKQRRDHKLADEGDIF
;
_entity_poly.pdbx_strand_id   A
#
loop_
_chem_comp.id
_chem_comp.type
_chem_comp.name
_chem_comp.formula
ERG non-polymer ERGOSTEROL 'C28 H44 O'
SO4 non-polymer 'SULFATE ION' 'O4 S -2'
#
# COMPACT_ATOMS: atom_id res chain seq x y z
N SER A 5 -5.89 22.09 16.50
CA SER A 5 -4.67 21.78 15.77
C SER A 5 -3.46 22.03 16.67
N THR A 6 -2.82 20.95 17.10
CA THR A 6 -1.69 21.05 18.02
C THR A 6 -0.51 21.74 17.35
N ALA A 7 0.45 22.16 18.18
CA ALA A 7 1.66 22.80 17.67
C ALA A 7 2.39 21.90 16.68
N GLU A 8 2.52 20.60 17.01
CA GLU A 8 3.30 19.73 16.14
C GLU A 8 2.58 19.44 14.84
N GLN A 9 1.24 19.40 14.86
CA GLN A 9 0.49 19.26 13.61
C GLN A 9 0.69 20.48 12.71
N LYS A 10 0.58 21.68 13.28
CA LYS A 10 0.78 22.88 12.48
C LYS A 10 2.21 22.95 11.95
N THR A 11 3.19 22.54 12.76
CA THR A 11 4.57 22.53 12.30
C THR A 11 4.75 21.58 11.14
N LYS A 12 4.09 20.42 11.19
CA LYS A 12 4.16 19.48 10.08
C LYS A 12 3.46 20.04 8.85
N ALA A 13 2.27 20.61 9.02
CA ALA A 13 1.55 21.16 7.87
C ALA A 13 2.37 22.26 7.21
N LYS A 14 3.06 23.07 8.00
CA LYS A 14 3.89 24.13 7.45
C LYS A 14 5.01 23.58 6.59
N VAL A 15 5.66 22.49 7.04
CA VAL A 15 6.72 21.86 6.25
C VAL A 15 6.16 21.37 4.92
N LEU A 16 5.00 20.72 4.95
CA LEU A 16 4.43 20.18 3.73
C LEU A 16 4.17 21.28 2.70
N LEU A 17 3.70 22.44 3.16
CA LEU A 17 3.43 23.55 2.25
C LEU A 17 4.72 24.20 1.77
N GLU A 18 5.69 24.38 2.67
CA GLU A 18 6.92 25.06 2.26
C GLU A 18 7.70 24.24 1.24
N GLU A 19 7.62 22.91 1.32
CA GLU A 19 8.30 22.04 0.37
C GLU A 19 7.51 21.84 -0.92
N GLY A 20 6.37 22.50 -1.08
CA GLY A 20 5.65 22.46 -2.35
C GLY A 20 5.05 21.10 -2.63
N SER A 21 4.56 20.41 -1.58
CA SER A 21 4.13 19.03 -1.72
C SER A 21 2.92 18.87 -2.64
N PHE A 22 2.14 19.92 -2.83
CA PHE A 22 0.91 19.81 -3.60
C PHE A 22 1.02 20.51 -4.95
N LEU A 23 2.15 21.14 -5.24
CA LEU A 23 2.36 21.74 -6.55
C LEU A 23 2.25 20.67 -7.63
N GLY A 24 1.51 21.00 -8.69
CA GLY A 24 1.32 20.11 -9.82
C GLY A 24 0.11 19.20 -9.70
N TYR A 25 -0.60 19.25 -8.57
CA TYR A 25 -1.76 18.39 -8.34
C TYR A 25 -3.07 19.16 -8.51
N GLU A 26 -3.05 20.19 -9.35
CA GLU A 26 -4.23 21.04 -9.55
C GLU A 26 -5.32 20.35 -10.35
N ASP A 27 -4.96 19.38 -11.20
CA ASP A 27 -5.97 18.73 -12.04
C ASP A 27 -6.91 17.88 -11.20
N LYS A 28 -8.16 17.83 -11.63
CA LYS A 28 -9.13 16.93 -11.03
C LYS A 28 -8.67 15.48 -11.18
N LEU A 29 -8.88 14.69 -10.13
CA LEU A 29 -8.49 13.28 -10.15
C LEU A 29 -9.01 12.58 -11.40
N ARG A 30 -8.18 11.72 -11.99
CA ARG A 30 -8.63 10.93 -13.13
C ARG A 30 -9.79 10.02 -12.74
N GLN A 31 -10.84 10.03 -13.57
CA GLN A 31 -12.09 9.33 -13.27
C GLN A 31 -12.26 8.04 -14.06
N ARG A 32 -11.55 7.87 -15.16
CA ARG A 32 -11.68 6.67 -15.97
C ARG A 32 -10.43 6.56 -16.83
N LEU A 33 -10.31 5.40 -17.48
CA LEU A 33 -9.25 5.16 -18.45
C LEU A 33 -9.77 5.42 -19.86
N LYS A 34 -8.84 5.64 -20.78
CA LYS A 34 -9.25 5.79 -22.17
C LYS A 34 -9.88 4.51 -22.69
N LEU A 35 -9.32 3.35 -22.34
CA LEU A 35 -9.97 2.08 -22.60
C LEU A 35 -11.31 2.03 -21.85
N GLY A 36 -12.38 1.71 -22.56
CA GLY A 36 -13.69 1.68 -21.92
C GLY A 36 -13.90 0.37 -21.20
N LYS A 37 -13.45 -0.69 -21.85
CA LYS A 37 -13.18 -1.99 -21.26
C LYS A 37 -12.03 -2.57 -22.07
N ASP A 38 -11.84 -3.88 -22.02
CA ASP A 38 -10.96 -4.49 -22.98
C ASP A 38 -11.16 -6.00 -22.96
N ASP A 39 -10.66 -6.63 -24.02
CA ASP A 39 -10.98 -8.01 -24.30
C ASP A 39 -9.73 -8.87 -24.33
N ARG A 40 -8.86 -8.71 -23.34
CA ARG A 40 -7.84 -9.72 -23.13
C ARG A 40 -8.56 -11.06 -22.95
N PRO A 41 -8.14 -12.11 -23.64
CA PRO A 41 -8.84 -13.40 -23.50
C PRO A 41 -8.75 -13.92 -22.07
N SER A 42 -9.75 -14.70 -21.68
CA SER A 42 -9.79 -15.28 -20.34
C SER A 42 -9.09 -16.63 -20.35
N VAL A 43 -7.77 -16.59 -20.55
CA VAL A 43 -6.96 -17.80 -20.52
C VAL A 43 -7.00 -18.43 -19.12
N SER A 44 -6.98 -19.75 -19.07
CA SER A 44 -7.03 -20.44 -17.78
C SER A 44 -5.71 -20.25 -17.03
N LEU A 45 -5.79 -19.84 -15.76
CA LEU A 45 -4.57 -19.62 -14.99
C LEU A 45 -3.78 -20.91 -14.80
N TRP A 46 -4.48 -22.01 -14.51
CA TRP A 46 -3.79 -23.29 -14.41
C TRP A 46 -3.02 -23.62 -15.69
N SER A 47 -3.63 -23.40 -16.87
CA SER A 47 -2.95 -23.73 -18.12
C SER A 47 -1.63 -23.01 -18.24
N VAL A 48 -1.52 -21.83 -17.63
CA VAL A 48 -0.30 -21.02 -17.67
C VAL A 48 0.68 -21.51 -16.61
N LEU A 49 0.20 -21.69 -15.38
CA LEU A 49 1.10 -21.95 -14.26
C LEU A 49 1.55 -23.40 -14.15
N LYS A 50 0.87 -24.34 -14.82
CA LYS A 50 1.23 -25.75 -14.64
C LYS A 50 2.67 -26.02 -15.08
N SER A 51 3.19 -25.21 -15.99
CA SER A 51 4.55 -25.38 -16.51
C SER A 51 5.59 -24.59 -15.73
N MET A 52 5.21 -23.97 -14.62
CA MET A 52 6.11 -23.09 -13.88
C MET A 52 5.98 -23.33 -12.38
N VAL A 53 5.82 -24.59 -11.99
CA VAL A 53 5.65 -24.91 -10.59
C VAL A 53 6.92 -24.56 -9.83
N GLY A 54 6.76 -24.01 -8.63
CA GLY A 54 7.88 -23.61 -7.80
C GLY A 54 8.49 -22.26 -8.12
N LYS A 55 8.00 -21.54 -9.13
CA LYS A 55 8.59 -20.27 -9.51
C LYS A 55 7.99 -19.11 -8.70
N ASP A 56 8.76 -18.02 -8.66
CA ASP A 56 8.40 -16.74 -8.08
C ASP A 56 7.60 -15.92 -9.09
N MET A 57 6.85 -14.95 -8.58
CA MET A 57 6.10 -14.06 -9.47
C MET A 57 7.01 -13.36 -10.47
N THR A 58 8.22 -12.99 -10.05
CA THR A 58 9.10 -12.22 -10.94
C THR A 58 9.80 -13.10 -11.96
N ARG A 59 10.00 -14.39 -11.67
CA ARG A 59 10.64 -15.31 -12.59
C ARG A 59 9.69 -15.88 -13.63
N MET A 60 8.41 -15.59 -13.54
CA MET A 60 7.43 -16.12 -14.48
C MET A 60 7.20 -15.17 -15.64
N THR A 61 6.97 -15.73 -16.81
CA THR A 61 6.45 -15.00 -17.95
C THR A 61 4.97 -15.31 -18.09
N LEU A 62 4.15 -14.27 -18.13
CA LEU A 62 2.71 -14.44 -18.10
C LEU A 62 2.08 -13.75 -19.31
N PRO A 63 0.98 -14.29 -19.81
CA PRO A 63 0.21 -13.56 -20.83
C PRO A 63 -0.40 -12.30 -20.23
N VAL A 64 -0.76 -11.38 -21.11
CA VAL A 64 -1.25 -10.09 -20.65
C VAL A 64 -2.54 -10.22 -19.86
N SER A 65 -3.31 -11.29 -20.08
CA SER A 65 -4.49 -11.55 -19.28
C SER A 65 -4.17 -11.64 -17.78
N PHE A 66 -2.93 -11.93 -17.42
CA PHE A 66 -2.58 -12.03 -16.00
C PHE A 66 -1.58 -10.95 -15.61
N ASN A 67 -1.55 -9.85 -16.35
CA ASN A 67 -0.83 -8.65 -15.99
C ASN A 67 -1.81 -7.52 -15.70
N GLU A 68 -1.38 -6.56 -14.89
CA GLU A 68 -2.17 -5.37 -14.59
C GLU A 68 -1.32 -4.14 -14.85
N PRO A 69 -1.87 -3.07 -15.45
CA PRO A 69 -1.07 -1.88 -15.75
C PRO A 69 -0.91 -0.95 -14.57
N THR A 70 -0.62 -1.51 -13.41
CA THR A 70 -0.21 -0.73 -12.25
C THR A 70 1.16 -1.25 -11.84
N SER A 71 1.90 -0.43 -11.11
CA SER A 71 3.18 -0.85 -10.57
C SER A 71 3.01 -1.39 -9.15
N LEU A 72 3.92 -2.29 -8.74
CA LEU A 72 3.98 -2.59 -7.31
C LEU A 72 4.05 -1.32 -6.47
N LEU A 73 4.75 -0.28 -6.98
CA LEU A 73 4.83 0.99 -6.24
C LEU A 73 3.46 1.61 -6.03
N GLN A 74 2.56 1.44 -6.99
CA GLN A 74 1.22 2.00 -6.89
C GLN A 74 0.28 1.09 -6.10
N ARG A 75 0.46 -0.24 -6.17
CA ARG A 75 -0.33 -1.10 -5.30
C ARG A 75 -0.07 -0.79 -3.83
N VAL A 76 1.18 -0.46 -3.49
CA VAL A 76 1.47 -0.11 -2.10
C VAL A 76 0.81 1.22 -1.74
N ALA A 77 0.69 2.15 -2.69
CA ALA A 77 -0.04 3.38 -2.41
C ALA A 77 -1.52 3.15 -2.13
N GLU A 78 -2.08 2.01 -2.57
CA GLU A 78 -3.47 1.72 -2.23
C GLU A 78 -3.68 1.47 -0.73
N ASP A 79 -2.60 1.37 0.05
CA ASP A 79 -2.72 1.42 1.50
C ASP A 79 -3.49 2.65 1.96
N LEU A 80 -3.44 3.71 1.15
CA LEU A 80 -3.95 5.01 1.56
C LEU A 80 -5.39 5.25 1.16
N GLU A 81 -6.07 4.27 0.55
CA GLU A 81 -7.41 4.54 0.01
C GLU A 81 -8.35 5.09 1.08
N TYR A 82 -8.27 4.55 2.29
CA TYR A 82 -9.16 4.96 3.38
C TYR A 82 -8.39 5.68 4.49
N ALA A 83 -7.41 6.50 4.11
CA ALA A 83 -6.56 7.19 5.07
C ALA A 83 -7.32 8.19 5.94
N ASP A 84 -8.57 8.55 5.58
CA ASP A 84 -9.40 9.35 6.49
C ASP A 84 -9.46 8.72 7.87
N LEU A 85 -9.37 7.39 7.94
CA LEU A 85 -9.42 6.70 9.23
C LEU A 85 -8.32 7.18 10.16
N LEU A 86 -7.19 7.62 9.60
CA LEU A 86 -6.07 8.02 10.44
C LEU A 86 -6.27 9.40 11.03
N ASN A 87 -6.96 10.29 10.32
CA ASN A 87 -7.34 11.58 10.91
C ASN A 87 -8.40 11.40 11.97
N GLN A 88 -9.36 10.50 11.71
CA GLN A 88 -10.30 10.13 12.77
C GLN A 88 -9.54 9.62 14.00
N ALA A 89 -8.58 8.72 13.78
CA ALA A 89 -7.79 8.19 14.89
C ALA A 89 -7.15 9.32 15.68
N ALA A 90 -6.55 10.29 14.99
CA ALA A 90 -5.86 11.38 15.68
C ALA A 90 -6.80 12.18 16.56
N SER A 91 -8.11 12.14 16.29
CA SER A 91 -9.06 12.98 16.99
C SER A 91 -9.52 12.41 18.33
N PHE A 92 -9.18 11.16 18.65
CA PHE A 92 -9.67 10.51 19.85
C PHE A 92 -8.66 10.65 20.99
N GLU A 93 -9.13 11.13 22.15
CA GLU A 93 -8.21 11.30 23.28
C GLU A 93 -7.76 9.97 23.86
N ASP A 94 -8.59 8.94 23.72
CA ASP A 94 -8.31 7.62 24.27
C ASP A 94 -7.36 6.87 23.36
N SER A 95 -6.17 6.51 23.88
CA SER A 95 -5.17 5.88 23.02
C SER A 95 -5.64 4.53 22.47
N THR A 96 -6.45 3.80 23.24
CA THR A 96 -6.92 2.50 22.75
C THR A 96 -7.91 2.65 21.61
N LEU A 97 -8.68 3.75 21.59
CA LEU A 97 -9.57 4.04 20.48
C LEU A 97 -8.80 4.55 19.26
N ARG A 98 -7.73 5.31 19.47
CA ARG A 98 -6.83 5.57 18.36
C ARG A 98 -6.32 4.27 17.75
N LEU A 99 -5.93 3.32 18.60
CA LEU A 99 -5.43 2.04 18.10
C LEU A 99 -6.51 1.29 17.33
N LEU A 100 -7.75 1.31 17.81
CA LEU A 100 -8.83 0.65 17.07
C LEU A 100 -8.91 1.17 15.64
N TYR A 101 -8.87 2.48 15.47
CA TYR A 101 -8.99 3.05 14.14
C TYR A 101 -7.72 2.83 13.31
N VAL A 102 -6.54 2.86 13.94
CA VAL A 102 -5.31 2.46 13.25
C VAL A 102 -5.46 1.04 12.72
N ALA A 103 -5.93 0.13 13.57
CA ALA A 103 -6.08 -1.27 13.19
C ALA A 103 -7.03 -1.42 12.01
N ILE A 104 -8.18 -0.74 12.09
CA ILE A 104 -9.12 -0.89 10.99
C ILE A 104 -8.57 -0.24 9.73
N PHE A 105 -7.79 0.84 9.86
CA PHE A 105 -7.05 1.32 8.69
C PHE A 105 -6.19 0.21 8.07
N THR A 106 -5.47 -0.57 8.88
CA THR A 106 -4.62 -1.60 8.29
C THR A 106 -5.42 -2.68 7.56
N VAL A 107 -6.69 -2.87 7.96
CA VAL A 107 -7.55 -3.86 7.32
C VAL A 107 -8.19 -3.31 6.06
N SER A 108 -8.37 -1.99 6.00
CA SER A 108 -9.20 -1.36 4.98
C SER A 108 -8.62 -1.49 3.57
N SER A 109 -7.34 -1.79 3.44
CA SER A 109 -6.72 -1.80 2.12
C SER A 109 -6.80 -3.16 1.42
N TYR A 110 -7.55 -4.11 1.95
CA TYR A 110 -7.61 -5.41 1.30
C TYR A 110 -8.85 -5.60 0.42
N ALA A 111 -9.88 -4.77 0.58
CA ALA A 111 -11.03 -4.88 -0.32
C ALA A 111 -10.61 -4.68 -1.77
N SER A 112 -9.65 -3.78 -2.01
CA SER A 112 -9.22 -3.46 -3.36
C SER A 112 -8.48 -4.59 -4.04
N THR A 113 -8.08 -5.64 -3.31
CA THR A 113 -7.35 -6.74 -3.93
C THR A 113 -8.28 -7.75 -4.61
N VAL A 114 -9.57 -7.75 -4.27
CA VAL A 114 -10.49 -8.70 -4.86
C VAL A 114 -10.66 -8.42 -6.35
N LYS A 115 -10.82 -9.50 -7.12
CA LYS A 115 -11.10 -9.46 -8.57
C LYS A 115 -9.94 -8.93 -9.40
N ARG A 116 -8.74 -8.84 -8.84
CA ARG A 116 -7.56 -8.45 -9.60
C ARG A 116 -6.52 -9.56 -9.50
N VAL A 117 -6.79 -10.66 -10.20
CA VAL A 117 -5.89 -11.81 -10.22
C VAL A 117 -4.91 -11.55 -11.36
N ALA A 118 -3.85 -10.80 -11.05
CA ALA A 118 -2.96 -10.30 -12.07
C ALA A 118 -1.70 -9.76 -11.43
N LYS A 119 -0.60 -9.89 -12.17
CA LYS A 119 0.71 -9.46 -11.70
C LYS A 119 0.90 -7.97 -12.02
N PRO A 120 1.09 -7.11 -11.01
CA PRO A 120 1.48 -5.72 -11.29
C PRO A 120 2.89 -5.67 -11.85
N PHE A 121 3.25 -4.51 -12.40
CA PHE A 121 4.59 -4.37 -12.93
C PHE A 121 5.63 -4.47 -11.83
N ASN A 122 6.72 -5.16 -12.13
CA ASN A 122 7.88 -5.21 -11.27
C ASN A 122 8.65 -3.91 -11.50
N PRO A 123 8.74 -3.02 -10.50
CA PRO A 123 9.34 -1.71 -10.76
C PRO A 123 10.81 -1.83 -11.12
N LEU A 124 11.26 -0.96 -12.02
CA LEU A 124 12.68 -0.92 -12.33
C LEU A 124 13.47 -0.43 -11.12
N LEU A 125 14.72 -0.87 -11.03
CA LEU A 125 15.59 -0.35 -9.99
C LEU A 125 15.72 1.17 -10.14
N GLY A 126 15.39 1.90 -9.07
CA GLY A 126 15.43 3.34 -9.12
C GLY A 126 14.14 3.98 -9.56
N GLU A 127 13.16 3.19 -9.99
CA GLU A 127 11.86 3.74 -10.32
C GLU A 127 11.26 4.40 -9.07
N THR A 128 10.54 5.49 -9.27
CA THR A 128 9.90 6.19 -8.18
C THR A 128 8.42 6.39 -8.47
N PHE A 129 7.66 6.69 -7.43
CA PHE A 129 6.27 7.07 -7.64
C PHE A 129 5.86 8.05 -6.55
N GLU A 130 5.33 9.19 -6.96
CA GLU A 130 4.82 10.18 -6.02
C GLU A 130 3.32 10.31 -6.19
N TYR A 131 2.65 10.69 -5.10
CA TYR A 131 1.20 10.90 -5.15
C TYR A 131 0.82 11.79 -3.97
N SER A 132 0.35 12.99 -4.25
CA SER A 132 -0.11 13.89 -3.20
C SER A 132 -1.58 14.16 -3.39
N ARG A 133 -2.27 14.41 -2.27
CA ARG A 133 -3.70 14.68 -2.27
C ARG A 133 -3.92 16.00 -1.56
N PRO A 134 -3.99 17.11 -2.30
CA PRO A 134 -4.24 18.41 -1.65
C PRO A 134 -5.50 18.39 -0.81
N ASP A 135 -6.53 17.68 -1.26
CA ASP A 135 -7.81 17.63 -0.55
C ASP A 135 -7.72 16.87 0.76
N LYS A 136 -6.69 16.04 0.94
CA LYS A 136 -6.48 15.27 2.15
C LYS A 136 -5.23 15.69 2.92
N SER A 137 -4.45 16.61 2.37
CA SER A 137 -3.23 17.13 3.00
C SER A 137 -2.17 16.06 3.23
N TYR A 138 -2.05 15.05 2.35
CA TYR A 138 -0.94 14.12 2.49
C TYR A 138 -0.13 14.02 1.21
N ARG A 139 1.12 13.58 1.38
CA ARG A 139 2.04 13.30 0.27
C ARG A 139 2.60 11.91 0.48
N PHE A 140 2.63 11.13 -0.59
CA PHE A 140 3.17 9.77 -0.62
C PHE A 140 4.34 9.73 -1.60
N PHE A 141 5.42 9.06 -1.20
CA PHE A 141 6.56 8.88 -2.09
C PHE A 141 7.13 7.49 -1.90
N THR A 142 7.59 6.88 -2.99
CA THR A 142 8.20 5.56 -2.89
C THR A 142 9.29 5.43 -3.97
N GLU A 143 10.35 4.69 -3.62
CA GLU A 143 11.44 4.38 -4.54
C GLU A 143 11.67 2.87 -4.54
N GLN A 144 11.92 2.31 -5.72
CA GLN A 144 12.33 0.90 -5.81
C GLN A 144 13.81 0.86 -5.42
N VAL A 145 14.09 0.39 -4.20
CA VAL A 145 15.46 0.40 -3.65
C VAL A 145 16.25 -0.86 -3.96
N SER A 146 15.58 -1.93 -4.40
CA SER A 146 16.25 -3.18 -4.77
C SER A 146 15.45 -3.86 -5.88
N HIS A 147 16.17 -4.55 -6.77
CA HIS A 147 15.57 -5.36 -7.82
C HIS A 147 15.76 -6.85 -7.58
N HIS A 148 16.92 -7.25 -7.08
CA HIS A 148 17.16 -8.62 -6.64
C HIS A 148 17.51 -8.63 -5.16
N PRO A 149 16.52 -8.85 -4.28
CA PRO A 149 15.11 -9.07 -4.56
C PRO A 149 14.39 -7.75 -4.73
N PRO A 150 13.16 -7.79 -5.24
CA PRO A 150 12.38 -6.56 -5.40
C PRO A 150 11.96 -5.99 -4.05
N ILE A 151 12.37 -4.75 -3.78
CA ILE A 151 12.00 -4.06 -2.54
C ILE A 151 11.66 -2.61 -2.85
N SER A 152 10.55 -2.13 -2.29
CA SER A 152 10.12 -0.73 -2.37
C SER A 152 10.19 -0.12 -0.99
N ALA A 153 10.67 1.12 -0.90
CA ALA A 153 10.61 1.89 0.34
C ALA A 153 9.59 3.00 0.17
N THR A 154 8.79 3.26 1.22
CA THR A 154 7.78 4.30 1.14
C THR A 154 7.97 5.35 2.22
N TRP A 155 7.32 6.49 2.01
CA TRP A 155 7.34 7.57 3.02
C TRP A 155 6.12 8.44 2.76
N THR A 156 5.15 8.39 3.67
CA THR A 156 3.91 9.16 3.57
C THR A 156 3.83 10.13 4.74
N GLU A 157 3.42 11.37 4.48
CA GLU A 157 3.38 12.38 5.51
C GLU A 157 2.11 13.22 5.41
N SER A 158 1.57 13.60 6.56
CA SER A 158 0.33 14.36 6.67
C SER A 158 0.43 15.16 7.96
N PRO A 159 -0.39 16.20 8.14
CA PRO A 159 -0.27 16.98 9.38
C PRO A 159 -0.46 16.15 10.64
N LYS A 160 -1.35 15.17 10.64
CA LYS A 160 -1.67 14.43 11.86
C LYS A 160 -1.05 13.03 11.91
N TRP A 161 -0.42 12.57 10.83
CA TRP A 161 0.08 11.19 10.83
C TRP A 161 1.11 11.03 9.73
N ASP A 162 2.07 10.13 9.97
CA ASP A 162 2.99 9.66 8.95
C ASP A 162 2.83 8.16 8.80
N PHE A 163 3.28 7.64 7.67
CA PHE A 163 3.17 6.20 7.39
C PHE A 163 4.30 5.82 6.45
N PHE A 164 5.17 4.91 6.87
CA PHE A 164 6.27 4.51 6.01
C PHE A 164 6.62 3.05 6.28
N GLY A 165 7.26 2.42 5.30
CA GLY A 165 7.70 1.06 5.53
C GLY A 165 8.33 0.48 4.29
N GLU A 166 8.67 -0.81 4.40
CA GLU A 166 9.36 -1.54 3.36
C GLU A 166 8.41 -2.56 2.76
N SER A 167 8.25 -2.52 1.44
CA SER A 167 7.51 -3.54 0.72
C SER A 167 8.48 -4.58 0.18
N PHE A 168 8.46 -5.78 0.77
CA PHE A 168 9.35 -6.87 0.42
C PHE A 168 8.43 -8.07 0.27
N VAL A 169 7.94 -8.30 -0.96
CA VAL A 169 6.98 -9.35 -1.22
C VAL A 169 7.72 -10.59 -1.68
N ASP A 170 7.57 -11.68 -0.92
CA ASP A 170 8.20 -12.98 -1.20
C ASP A 170 7.09 -13.93 -1.65
N SER A 171 7.15 -14.38 -2.90
CA SER A 171 6.05 -15.13 -3.50
C SER A 171 6.51 -16.51 -3.96
N LYS A 172 5.53 -17.41 -4.08
CA LYS A 172 5.83 -18.80 -4.45
C LYS A 172 4.58 -19.49 -4.93
N PHE A 173 4.63 -20.07 -6.13
CA PHE A 173 3.57 -20.94 -6.62
C PHE A 173 3.98 -22.38 -6.33
N ASN A 174 3.20 -23.07 -5.50
CA ASN A 174 3.57 -24.42 -5.05
C ASN A 174 2.88 -25.53 -5.84
N GLY A 175 2.30 -25.22 -6.99
CA GLY A 175 1.56 -26.20 -7.76
C GLY A 175 0.09 -26.26 -7.44
N ARG A 176 -0.34 -25.70 -6.31
CA ARG A 176 -1.75 -25.57 -5.99
C ARG A 176 -2.16 -24.12 -5.79
N SER A 177 -1.51 -23.40 -4.87
CA SER A 177 -1.85 -22.01 -4.58
C SER A 177 -0.64 -21.12 -4.83
N PHE A 178 -0.90 -19.82 -5.02
CA PHE A 178 0.14 -18.83 -5.18
C PHE A 178 0.16 -18.00 -3.91
N ASP A 179 1.27 -18.05 -3.18
CA ASP A 179 1.38 -17.47 -1.85
C ASP A 179 2.26 -16.23 -1.87
N PHE A 180 1.87 -15.22 -1.08
CA PHE A 180 2.58 -13.94 -1.01
C PHE A 180 2.77 -13.57 0.45
N LYS A 181 4.03 -13.38 0.85
CA LYS A 181 4.34 -12.94 2.20
C LYS A 181 4.98 -11.56 2.12
N HIS A 182 4.65 -10.72 3.09
CA HIS A 182 5.08 -9.32 3.14
C HIS A 182 6.03 -9.19 4.32
N LEU A 183 7.31 -9.11 4.02
CA LEU A 183 8.35 -9.29 5.04
C LEU A 183 8.76 -8.00 5.74
N GLY A 184 8.39 -6.83 5.19
CA GLY A 184 8.85 -5.59 5.76
C GLY A 184 7.98 -5.09 6.92
N LEU A 185 8.59 -4.27 7.77
CA LEU A 185 7.90 -3.65 8.88
C LEU A 185 7.31 -2.30 8.46
N TRP A 186 6.10 -2.01 8.95
CA TRP A 186 5.40 -0.77 8.65
C TRP A 186 5.29 0.10 9.90
N TYR A 187 5.45 1.41 9.71
CA TYR A 187 5.56 2.38 10.80
C TYR A 187 4.48 3.42 10.62
N LEU A 188 3.61 3.58 11.61
CA LEU A 188 2.52 4.52 11.51
C LEU A 188 2.59 5.45 12.73
N THR A 189 2.82 6.73 12.47
CA THR A 189 2.99 7.74 13.50
C THR A 189 1.74 8.58 13.59
N ILE A 190 1.19 8.75 14.79
CA ILE A 190 0.02 9.60 15.01
C ILE A 190 0.45 10.78 15.88
N ARG A 191 0.03 11.98 15.48
CA ARG A 191 0.14 13.18 16.31
C ARG A 191 -1.25 13.51 16.84
N PRO A 192 -1.59 13.09 18.07
CA PRO A 192 -2.98 13.18 18.53
C PRO A 192 -3.43 14.61 18.76
N ASP A 193 -4.74 14.84 18.55
CA ASP A 193 -5.30 16.15 18.80
C ASP A 193 -5.17 16.55 20.26
N SER A 194 -5.14 15.57 21.17
CA SER A 194 -5.03 15.87 22.58
C SER A 194 -4.67 14.59 23.33
N ASN A 195 -4.14 14.77 24.54
CA ASN A 195 -3.87 13.68 25.46
C ASN A 195 -2.95 12.64 24.83
N GLY A 196 -1.75 13.08 24.48
CA GLY A 196 -0.75 12.16 23.97
C GLY A 196 0.32 12.85 23.16
N LYS A 197 1.57 12.50 23.45
CA LYS A 197 2.67 12.92 22.60
C LYS A 197 2.63 12.13 21.30
N GLU A 198 3.38 12.59 20.30
CA GLU A 198 3.53 11.83 19.07
C GLU A 198 3.85 10.38 19.41
N GLU A 199 3.16 9.44 18.74
CA GLU A 199 3.24 8.02 19.08
C GLU A 199 3.48 7.20 17.82
N LEU A 200 4.15 6.06 18.01
CA LEU A 200 4.53 5.18 16.91
C LEU A 200 3.84 3.83 17.03
N TYR A 201 3.14 3.42 15.97
CA TYR A 201 2.61 2.07 15.84
C TYR A 201 3.44 1.32 14.80
N THR A 202 3.70 0.03 15.05
CA THR A 202 4.33 -0.80 14.03
C THR A 202 3.59 -2.13 13.87
N TYR A 203 3.69 -2.70 12.67
CA TYR A 203 3.04 -3.98 12.36
C TYR A 203 3.57 -4.49 11.03
N LYS A 204 3.27 -5.76 10.73
CA LYS A 204 3.50 -6.35 9.43
C LYS A 204 2.17 -6.74 8.80
N LYS A 205 2.12 -6.68 7.47
CA LYS A 205 0.90 -6.92 6.72
C LYS A 205 0.59 -8.41 6.63
N PRO A 206 -0.68 -8.76 6.43
CA PRO A 206 -1.05 -10.18 6.32
C PRO A 206 -0.54 -10.77 5.02
N ASN A 207 -0.57 -12.11 4.96
CA ASN A 207 -0.26 -12.82 3.73
C ASN A 207 -1.43 -12.74 2.75
N ASN A 208 -1.14 -12.95 1.47
CA ASN A 208 -2.18 -13.13 0.46
C ASN A 208 -1.91 -14.42 -0.29
N GLN A 209 -2.95 -14.97 -0.90
CA GLN A 209 -2.75 -16.12 -1.76
C GLN A 209 -3.78 -16.10 -2.85
N VAL A 210 -3.44 -16.69 -3.99
CA VAL A 210 -4.42 -16.97 -5.03
C VAL A 210 -4.78 -18.44 -4.89
N VAL A 211 -6.07 -18.71 -4.63
CA VAL A 211 -6.58 -20.06 -4.54
C VAL A 211 -7.66 -20.26 -5.61
N GLY A 212 -8.26 -21.45 -5.66
CA GLY A 212 -9.22 -21.73 -6.71
C GLY A 212 -8.61 -21.96 -8.07
N ILE A 213 -7.29 -22.13 -8.14
CA ILE A 213 -6.61 -22.23 -9.44
C ILE A 213 -6.95 -23.56 -10.11
N LEU A 214 -6.85 -24.66 -9.36
CA LEU A 214 -7.22 -25.96 -9.90
C LEU A 214 -8.70 -26.06 -10.20
N LEU A 215 -9.54 -25.43 -9.38
CA LEU A 215 -10.98 -25.40 -9.58
C LEU A 215 -11.39 -24.58 -10.80
N GLY A 216 -10.49 -23.78 -11.37
CA GLY A 216 -10.84 -22.95 -12.51
C GLY A 216 -11.51 -21.65 -12.14
N ASN A 217 -11.42 -21.21 -10.90
CA ASN A 217 -12.03 -19.95 -10.46
C ASN A 217 -11.08 -19.26 -9.48
N PRO A 218 -10.00 -18.68 -9.98
CA PRO A 218 -9.00 -18.07 -9.08
C PRO A 218 -9.59 -16.93 -8.26
N GLN A 219 -9.20 -16.89 -6.99
CA GLN A 219 -9.70 -15.92 -6.04
C GLN A 219 -8.55 -15.42 -5.18
N VAL A 220 -8.53 -14.11 -4.92
CA VAL A 220 -7.54 -13.53 -4.01
C VAL A 220 -8.04 -13.67 -2.58
N ASP A 221 -7.21 -14.25 -1.72
CA ASP A 221 -7.51 -14.42 -0.31
C ASP A 221 -6.41 -13.76 0.50
N ASN A 222 -6.78 -13.10 1.57
CA ASN A 222 -5.84 -12.54 2.52
C ASN A 222 -6.01 -13.27 3.84
N TYR A 223 -4.90 -13.63 4.47
CA TYR A 223 -4.99 -14.52 5.64
C TYR A 223 -3.80 -14.26 6.56
N GLY A 224 -3.97 -14.67 7.81
CA GLY A 224 -2.91 -14.63 8.79
C GLY A 224 -3.20 -13.68 9.92
N ASP A 225 -2.31 -13.70 10.90
CA ASP A 225 -2.43 -12.85 12.07
C ASP A 225 -1.54 -11.62 11.95
N VAL A 226 -2.05 -10.51 12.45
CA VAL A 226 -1.33 -9.24 12.46
C VAL A 226 -1.34 -8.71 13.89
N LYS A 227 -0.19 -8.19 14.33
CA LYS A 227 -0.10 -7.57 15.65
C LYS A 227 0.40 -6.15 15.49
N ILE A 228 -0.36 -5.19 16.04
CA ILE A 228 0.03 -3.79 16.03
C ILE A 228 0.36 -3.40 17.46
N VAL A 229 1.51 -2.75 17.64
CA VAL A 229 1.93 -2.31 18.97
C VAL A 229 2.13 -0.80 18.96
N ASN A 230 1.63 -0.14 19.99
CA ASN A 230 1.91 1.28 20.22
C ASN A 230 3.14 1.34 21.12
N HIS A 231 4.26 1.78 20.55
CA HIS A 231 5.51 1.74 21.30
C HIS A 231 5.54 2.76 22.43
N ASN A 232 4.61 3.70 22.44
CA ASN A 232 4.62 4.74 23.46
C ASN A 232 3.74 4.43 24.66
N THR A 233 2.65 3.66 24.50
CA THR A 233 1.66 3.62 25.58
C THR A 233 1.63 2.44 26.61
N GLY A 234 1.83 1.17 26.26
CA GLY A 234 1.90 0.62 24.92
C GLY A 234 0.77 -0.39 24.72
N ASP A 235 -0.33 0.13 24.22
CA ASP A 235 -1.47 -0.69 23.79
C ASP A 235 -1.06 -1.62 22.65
N TYR A 236 -1.87 -2.65 22.41
CA TYR A 236 -1.59 -3.55 21.30
C TYR A 236 -2.89 -4.15 20.79
N CYS A 237 -2.85 -4.61 19.54
CA CYS A 237 -4.04 -5.13 18.88
C CYS A 237 -3.68 -6.39 18.11
N MET A 238 -4.51 -7.42 18.25
CA MET A 238 -4.39 -8.66 17.50
C MET A 238 -5.46 -8.70 16.43
N ILE A 239 -5.07 -8.94 15.18
CA ILE A 239 -5.98 -9.03 14.04
C ILE A 239 -5.86 -10.41 13.41
N HIS A 240 -7.01 -10.98 13.05
CA HIS A 240 -7.03 -12.33 12.49
C HIS A 240 -7.77 -12.30 11.16
N PHE A 241 -7.02 -12.42 10.06
CA PHE A 241 -7.58 -12.64 8.73
C PHE A 241 -7.75 -14.14 8.55
N LYS A 242 -8.99 -14.58 8.43
CA LYS A 242 -9.26 -16.00 8.28
C LYS A 242 -8.88 -16.46 6.88
N ALA A 243 -8.20 -17.61 6.81
CA ALA A 243 -7.82 -18.20 5.53
C ALA A 243 -9.00 -18.96 4.93
N ARG A 244 -9.05 -19.01 3.60
CA ARG A 244 -10.11 -19.74 2.93
C ARG A 244 -10.01 -21.22 3.26
N GLY A 245 -11.14 -21.82 3.60
CA GLY A 245 -11.20 -23.24 3.86
C GLY A 245 -12.10 -23.99 2.89
N SER A 250 -15.76 -19.34 0.67
CA SER A 250 -15.96 -17.93 0.41
C SER A 250 -16.27 -17.17 1.70
N ALA A 251 -15.31 -17.18 2.62
CA ALA A 251 -15.38 -16.42 3.85
C ALA A 251 -14.31 -15.32 3.81
N TYR A 252 -14.74 -14.07 3.95
CA TYR A 252 -13.86 -12.90 3.91
C TYR A 252 -13.68 -12.34 5.32
N GLU A 253 -13.63 -13.22 6.32
CA GLU A 253 -13.82 -12.78 7.69
C GLU A 253 -12.54 -12.20 8.28
N VAL A 254 -12.71 -11.12 9.03
CA VAL A 254 -11.63 -10.53 9.81
C VAL A 254 -12.19 -10.13 11.17
N LYS A 255 -11.40 -10.33 12.21
CA LYS A 255 -11.76 -9.95 13.57
C LYS A 255 -10.51 -9.45 14.28
N GLY A 256 -10.71 -8.60 15.28
CA GLY A 256 -9.58 -8.10 16.05
C GLY A 256 -9.98 -7.75 17.46
N GLU A 257 -8.97 -7.64 18.32
CA GLU A 257 -9.15 -7.28 19.71
C GLU A 257 -8.10 -6.24 20.07
N VAL A 258 -8.51 -5.17 20.76
CA VAL A 258 -7.64 -4.07 21.16
C VAL A 258 -7.46 -4.11 22.67
N TYR A 259 -6.21 -4.13 23.12
CA TYR A 259 -5.88 -4.22 24.54
C TYR A 259 -5.12 -2.98 25.00
N ASN A 260 -5.38 -2.56 26.24
CA ASN A 260 -4.53 -1.58 26.87
C ASN A 260 -3.23 -2.24 27.34
N ALA A 261 -2.32 -1.45 27.90
CA ALA A 261 -1.00 -1.95 28.22
C ALA A 261 -1.01 -3.00 29.33
N LYS A 262 -2.05 -3.03 30.16
CA LYS A 262 -2.17 -4.05 31.20
C LYS A 262 -2.93 -5.29 30.71
N GLY A 263 -3.13 -5.41 29.41
CA GLY A 263 -3.84 -6.57 28.89
C GLY A 263 -5.34 -6.53 29.05
N GLY A 264 -5.89 -5.40 29.45
CA GLY A 264 -7.33 -5.26 29.49
C GLY A 264 -7.93 -5.09 28.12
N LYS A 265 -8.89 -5.94 27.76
CA LYS A 265 -9.55 -5.82 26.46
C LYS A 265 -10.46 -4.60 26.47
N GLU A 266 -10.23 -3.68 25.52
CA GLU A 266 -10.99 -2.43 25.46
C GLU A 266 -11.96 -2.38 24.31
N TRP A 267 -11.62 -2.99 23.18
CA TRP A 267 -12.44 -2.93 21.97
C TRP A 267 -12.29 -4.24 21.22
N ILE A 268 -13.36 -4.65 20.53
CA ILE A 268 -13.29 -5.71 19.54
C ILE A 268 -13.89 -5.16 18.25
N PHE A 269 -13.51 -5.78 17.13
CA PHE A 269 -14.04 -5.38 15.85
C PHE A 269 -14.06 -6.59 14.93
N GLY A 270 -14.85 -6.49 13.88
CA GLY A 270 -14.96 -7.61 12.96
C GLY A 270 -15.87 -7.27 11.80
N GLY A 271 -15.77 -8.09 10.77
CA GLY A 271 -16.57 -7.91 9.58
C GLY A 271 -16.00 -8.76 8.45
N ARG A 272 -16.28 -8.33 7.24
CA ARG A 272 -15.73 -8.97 6.05
C ARG A 272 -14.87 -7.94 5.34
N TRP A 273 -13.61 -8.29 5.12
CA TRP A 273 -12.68 -7.27 4.62
C TRP A 273 -12.95 -6.88 3.17
N ASN A 274 -13.90 -7.51 2.48
CA ASN A 274 -14.35 -7.03 1.19
C ASN A 274 -15.63 -6.20 1.29
N GLU A 275 -16.09 -5.87 2.51
CA GLU A 275 -17.38 -5.21 2.66
C GLU A 275 -17.42 -4.15 3.75
N SER A 276 -17.28 -4.54 5.02
CA SER A 276 -17.43 -3.55 6.08
C SER A 276 -16.91 -4.11 7.38
N VAL A 277 -16.54 -3.21 8.29
CA VAL A 277 -16.06 -3.58 9.62
C VAL A 277 -16.77 -2.72 10.67
N SER A 278 -17.23 -3.35 11.74
CA SER A 278 -17.90 -2.71 12.85
C SER A 278 -17.14 -3.02 14.13
N ALA A 279 -17.44 -2.29 15.20
CA ALA A 279 -16.70 -2.45 16.44
C ALA A 279 -17.62 -2.20 17.62
N LYS A 280 -17.13 -2.56 18.80
CA LYS A 280 -17.86 -2.26 20.02
C LYS A 280 -16.89 -2.15 21.18
N LYS A 281 -17.28 -1.34 22.17
CA LYS A 281 -16.52 -1.26 23.40
C LYS A 281 -16.73 -2.53 24.21
N VAL A 282 -15.64 -3.06 24.74
CA VAL A 282 -15.69 -4.18 25.67
C VAL A 282 -15.72 -3.60 27.08
N LEU A 283 -16.69 -4.04 27.87
CA LEU A 283 -16.98 -3.41 29.15
C LEU A 283 -16.26 -4.05 30.33
N LYS A 284 -16.00 -5.35 30.25
CA LYS A 284 -15.24 -6.06 31.27
C LYS A 284 -13.85 -6.37 30.71
N PRO A 285 -12.77 -5.83 31.28
CA PRO A 285 -11.45 -6.01 30.65
C PRO A 285 -11.01 -7.46 30.51
N ASN A 286 -11.58 -8.38 31.28
CA ASN A 286 -11.18 -9.78 31.20
C ASN A 286 -12.09 -10.60 30.29
N SER A 287 -13.00 -9.97 29.57
CA SER A 287 -13.93 -10.70 28.73
C SER A 287 -13.18 -11.46 27.64
N LEU A 288 -13.63 -12.68 27.38
CA LEU A 288 -13.15 -13.47 26.26
C LEU A 288 -13.91 -13.18 24.98
N GLU A 289 -14.89 -12.28 25.02
CA GLU A 289 -15.76 -12.07 23.87
C GLU A 289 -14.98 -11.57 22.66
N GLU A 290 -15.33 -12.09 21.49
CA GLU A 290 -14.81 -11.61 20.22
C GLU A 290 -16.00 -11.27 19.33
N MET A 291 -15.72 -10.56 18.24
CA MET A 291 -16.78 -10.02 17.41
C MET A 291 -17.54 -11.14 16.72
N GLN A 292 -18.86 -11.16 16.90
CA GLN A 292 -19.74 -12.04 16.14
C GLN A 292 -19.87 -11.51 14.72
N VAL A 293 -19.58 -12.35 13.73
CA VAL A 293 -19.67 -11.93 12.34
C VAL A 293 -21.14 -11.85 11.92
N THR A 303 -26.01 -1.12 14.92
CA THR A 303 -26.46 -0.43 13.71
C THR A 303 -26.42 1.08 13.92
N SER A 304 -25.27 1.61 14.35
CA SER A 304 -25.07 3.04 14.53
C SER A 304 -23.95 3.50 13.61
N SER A 305 -24.29 4.38 12.67
CA SER A 305 -23.29 4.99 11.80
C SER A 305 -23.10 6.44 12.21
N GLY A 306 -22.68 6.66 13.45
CA GLY A 306 -22.50 8.00 13.96
C GLY A 306 -21.20 8.20 14.70
N GLY A 307 -20.38 7.15 14.76
CA GLY A 307 -19.09 7.25 15.41
C GLY A 307 -18.95 6.31 16.58
N PRO A 308 -17.84 6.42 17.30
CA PRO A 308 -17.56 5.45 18.37
C PRO A 308 -18.55 5.56 19.52
N LYS A 309 -18.76 4.42 20.18
CA LYS A 309 -19.66 4.32 21.31
C LYS A 309 -18.93 3.64 22.46
N TYR A 310 -19.08 4.16 23.66
CA TYR A 310 -18.44 3.58 24.84
C TYR A 310 -19.37 2.71 25.66
N ASP A 311 -20.64 2.60 25.29
CA ASP A 311 -21.61 1.86 26.10
C ASP A 311 -21.71 0.39 25.71
N GLY A 312 -20.90 -0.08 24.75
CA GLY A 312 -20.95 -1.46 24.35
C GLY A 312 -21.84 -1.77 23.18
N THR A 313 -22.57 -0.79 22.65
CA THR A 313 -23.33 -1.01 21.43
C THR A 313 -22.37 -0.96 20.23
N ARG A 314 -22.80 -1.58 19.13
CA ARG A 314 -21.94 -1.66 17.95
C ARG A 314 -22.02 -0.38 17.14
N PHE A 315 -20.90 -0.04 16.50
CA PHE A 315 -20.85 1.10 15.60
C PHE A 315 -20.04 0.76 14.37
N ASN A 316 -20.47 1.29 13.22
CA ASN A 316 -19.73 1.10 11.98
C ASN A 316 -18.46 1.93 11.98
N VAL A 317 -17.38 1.36 11.44
CA VAL A 317 -16.09 2.05 11.35
C VAL A 317 -15.64 2.20 9.91
N TRP A 318 -15.83 1.17 9.09
CA TRP A 318 -15.33 1.19 7.71
C TRP A 318 -16.29 0.45 6.79
N HIS A 319 -16.49 0.99 5.59
CA HIS A 319 -17.22 0.30 4.54
C HIS A 319 -16.51 0.52 3.21
N VAL A 320 -16.54 -0.51 2.35
CA VAL A 320 -15.86 -0.46 1.06
C VAL A 320 -16.49 0.60 0.17
N ASN A 321 -15.66 1.29 -0.60
CA ASN A 321 -16.14 2.23 -1.59
C ASN A 321 -16.90 1.49 -2.69
N GLU A 322 -17.87 2.19 -3.29
CA GLU A 322 -18.52 1.66 -4.48
C GLU A 322 -17.49 1.48 -5.59
N ARG A 323 -17.66 0.42 -6.37
CA ARG A 323 -16.64 -0.04 -7.30
C ARG A 323 -17.26 -0.20 -8.68
N PRO A 324 -17.20 0.85 -9.50
CA PRO A 324 -17.66 0.71 -10.88
C PRO A 324 -16.80 -0.26 -11.64
N GLU A 325 -17.33 -0.73 -12.78
CA GLU A 325 -16.55 -1.54 -13.69
C GLU A 325 -15.53 -0.69 -14.42
N PHE A 326 -14.28 -1.10 -14.38
CA PHE A 326 -13.20 -0.46 -15.11
C PHE A 326 -12.39 -1.54 -15.80
N PRO A 327 -11.71 -1.20 -16.89
CA PRO A 327 -10.72 -2.14 -17.44
C PRO A 327 -9.78 -2.60 -16.32
N PHE A 328 -9.39 -3.87 -16.38
CA PHE A 328 -8.48 -4.48 -15.42
C PHE A 328 -9.08 -4.54 -14.03
N ASN A 329 -10.38 -4.27 -13.89
CA ASN A 329 -11.07 -4.36 -12.60
C ASN A 329 -10.49 -3.40 -11.57
N LEU A 330 -9.93 -2.28 -12.03
CA LEU A 330 -9.35 -1.33 -11.10
C LEU A 330 -10.43 -0.69 -10.23
N THR A 331 -10.04 -0.29 -9.03
CA THR A 331 -10.89 0.56 -8.19
C THR A 331 -10.84 2.01 -8.67
N LYS A 332 -11.81 2.80 -8.21
CA LYS A 332 -11.76 4.24 -8.46
C LYS A 332 -10.44 4.83 -7.99
N PHE A 333 -10.02 4.46 -6.77
CA PHE A 333 -8.78 5.01 -6.24
C PHE A 333 -7.60 4.60 -7.10
N ALA A 334 -7.55 3.33 -7.51
CA ALA A 334 -6.42 2.88 -8.31
C ALA A 334 -6.37 3.60 -9.65
N VAL A 335 -7.53 3.93 -10.22
CA VAL A 335 -7.56 4.68 -11.47
C VAL A 335 -6.85 6.03 -11.34
N THR A 336 -6.84 6.62 -10.14
CA THR A 336 -6.19 7.93 -9.99
C THR A 336 -4.66 7.85 -10.01
N LEU A 337 -4.07 6.68 -9.81
CA LEU A 337 -2.67 6.62 -9.43
C LEU A 337 -1.72 6.81 -10.60
N ASN A 338 -1.98 6.09 -11.71
CA ASN A 338 -1.10 6.16 -12.87
C ASN A 338 -1.56 7.22 -13.87
N ALA A 339 -2.23 8.27 -13.41
CA ALA A 339 -2.76 9.29 -14.32
C ALA A 339 -1.66 10.26 -14.74
N PRO A 340 -1.41 10.43 -16.05
CA PRO A 340 -0.40 11.41 -16.52
C PRO A 340 -1.00 12.80 -16.56
N GLN A 341 -1.32 13.30 -15.38
CA GLN A 341 -2.07 14.56 -15.24
C GLN A 341 -1.29 15.71 -15.90
N PRO A 342 -1.95 16.51 -16.74
CA PRO A 342 -1.21 17.51 -17.54
C PRO A 342 -0.38 18.49 -16.72
N HIS A 343 -0.91 19.02 -15.61
CA HIS A 343 -0.17 19.95 -14.78
C HIS A 343 0.86 19.27 -13.89
N LEU A 344 0.77 17.94 -13.74
CA LEU A 344 1.72 17.21 -12.91
C LEU A 344 2.99 16.85 -13.66
N LEU A 345 2.87 16.46 -14.93
CA LEU A 345 4.02 15.94 -15.67
C LEU A 345 5.27 16.82 -15.60
N PRO A 346 5.19 18.15 -15.72
CA PRO A 346 6.44 18.94 -15.70
C PRO A 346 7.20 18.86 -14.38
N TRP A 347 6.54 18.47 -13.29
CA TRP A 347 7.19 18.38 -11.99
C TRP A 347 7.92 17.06 -11.77
N LEU A 348 7.59 16.03 -12.53
CA LEU A 348 8.05 14.70 -12.18
C LEU A 348 9.52 14.48 -12.50
N PRO A 349 10.20 13.65 -11.71
CA PRO A 349 11.50 13.13 -12.12
C PRO A 349 11.34 12.18 -13.27
N PRO A 350 12.39 11.93 -14.06
CA PRO A 350 12.27 10.98 -15.18
C PRO A 350 11.97 9.57 -14.73
N THR A 351 12.07 9.28 -13.44
CA THR A 351 11.87 7.94 -12.92
C THR A 351 10.43 7.66 -12.50
N ASP A 352 9.52 8.63 -12.56
CA ASP A 352 8.18 8.40 -12.04
C ASP A 352 7.44 7.36 -12.87
N THR A 353 6.71 6.47 -12.18
CA THR A 353 5.94 5.41 -12.83
C THR A 353 5.00 5.91 -13.91
N ARG A 354 4.43 7.12 -13.76
CA ARG A 354 3.54 7.64 -14.79
C ARG A 354 4.22 7.73 -16.14
N LEU A 355 5.55 7.86 -16.15
CA LEU A 355 6.31 7.98 -17.39
C LEU A 355 6.79 6.64 -17.91
N ARG A 356 6.51 5.55 -17.21
CA ARG A 356 7.00 4.25 -17.62
C ARG A 356 6.28 3.77 -18.88
N PRO A 357 6.99 3.54 -19.99
CA PRO A 357 6.32 3.43 -21.30
C PRO A 357 5.66 2.09 -21.57
N ASP A 358 6.22 0.98 -21.06
CA ASP A 358 5.54 -0.30 -21.25
C ASP A 358 4.25 -0.35 -20.45
N GLN A 359 4.29 0.14 -19.20
CA GLN A 359 3.10 0.18 -18.39
C GLN A 359 2.05 1.12 -19.00
N ARG A 360 2.48 2.25 -19.56
CA ARG A 360 1.54 3.17 -20.19
C ARG A 360 0.86 2.51 -21.39
N ALA A 361 1.65 1.84 -22.25
CA ALA A 361 1.08 1.14 -23.38
C ALA A 361 0.04 0.11 -22.93
N MET A 362 0.36 -0.65 -21.88
CA MET A 362 -0.57 -1.67 -21.45
C MET A 362 -1.86 -1.04 -20.95
N GLU A 363 -1.75 0.06 -20.21
CA GLU A 363 -2.96 0.72 -19.71
C GLU A 363 -3.86 1.16 -20.84
N GLU A 364 -3.27 1.51 -21.98
CA GLU A 364 -4.03 1.96 -23.15
C GLU A 364 -4.40 0.83 -24.07
N GLY A 365 -4.15 -0.42 -23.66
CA GLY A 365 -4.55 -1.57 -24.44
C GLY A 365 -3.64 -1.90 -25.61
N ARG A 366 -2.44 -1.35 -25.65
CA ARG A 366 -1.49 -1.59 -26.73
C ARG A 366 -0.48 -2.62 -26.25
N TYR A 367 -0.90 -3.89 -26.31
CA TYR A 367 -0.16 -4.92 -25.60
C TYR A 367 1.12 -5.30 -26.31
N ASP A 368 1.19 -5.19 -27.64
CA ASP A 368 2.46 -5.46 -28.30
C ASP A 368 3.46 -4.35 -28.05
N GLU A 369 3.00 -3.09 -28.07
CA GLU A 369 3.88 -2.00 -27.68
C GLU A 369 4.37 -2.20 -26.26
N ALA A 370 3.49 -2.66 -25.36
CA ALA A 370 3.92 -2.89 -23.99
C ALA A 370 5.03 -3.95 -23.93
N ALA A 371 4.89 -5.04 -24.69
CA ALA A 371 5.91 -6.08 -24.68
C ALA A 371 7.21 -5.58 -25.30
N THR A 372 7.10 -4.75 -26.34
CA THR A 372 8.29 -4.23 -27.00
C THR A 372 9.08 -3.32 -26.07
N GLU A 373 8.37 -2.42 -25.37
CA GLU A 373 9.04 -1.47 -24.47
C GLU A 373 9.56 -2.18 -23.23
N LYS A 374 8.82 -3.18 -22.74
CA LYS A 374 9.28 -3.92 -21.58
C LYS A 374 10.61 -4.61 -21.88
N HIS A 375 10.72 -5.22 -23.05
CA HIS A 375 11.97 -5.87 -23.39
C HIS A 375 13.12 -4.86 -23.38
N ARG A 376 12.86 -3.66 -23.90
CA ARG A 376 13.90 -2.63 -23.97
C ARG A 376 14.31 -2.16 -22.58
N VAL A 377 13.34 -1.79 -21.73
CA VAL A 377 13.75 -1.23 -20.46
C VAL A 377 14.34 -2.30 -19.56
N GLU A 378 13.88 -3.54 -19.70
CA GLU A 378 14.48 -4.61 -18.89
C GLU A 378 15.89 -4.94 -19.35
N GLU A 379 16.14 -4.90 -20.67
CA GLU A 379 17.50 -5.14 -21.16
C GLU A 379 18.45 -4.06 -20.67
N ARG A 380 18.03 -2.80 -20.73
CA ARG A 380 18.90 -1.73 -20.27
C ARG A 380 19.23 -1.87 -18.79
N GLN A 381 18.22 -2.22 -17.99
CA GLN A 381 18.44 -2.44 -16.57
C GLN A 381 19.51 -3.51 -16.34
N ARG A 382 19.40 -4.63 -17.06
CA ARG A 382 20.36 -5.70 -16.89
C ARG A 382 21.76 -5.25 -17.32
N SER A 383 21.85 -4.49 -18.42
CA SER A 383 23.17 -4.08 -18.90
C SER A 383 23.82 -3.10 -17.94
N VAL A 384 23.02 -2.21 -17.34
CA VAL A 384 23.56 -1.28 -16.35
C VAL A 384 24.07 -2.02 -15.12
N ARG A 385 23.33 -3.05 -14.67
CA ARG A 385 23.79 -3.86 -13.56
C ARG A 385 25.12 -4.55 -13.89
N LYS A 386 25.24 -5.10 -15.10
CA LYS A 386 26.48 -5.79 -15.44
C LYS A 386 27.66 -4.84 -15.51
N LYS A 387 27.44 -3.61 -15.98
CA LYS A 387 28.51 -2.63 -15.99
C LYS A 387 28.93 -2.26 -14.58
N ARG A 388 27.95 -2.07 -13.68
CA ARG A 388 28.28 -1.78 -12.29
C ARG A 388 29.14 -2.89 -11.70
N GLU A 389 28.76 -4.15 -11.95
CA GLU A 389 29.50 -5.26 -11.37
C GLU A 389 30.92 -5.32 -11.93
N GLU A 390 31.09 -5.01 -13.22
CA GLU A 390 32.42 -5.03 -13.83
C GLU A 390 33.33 -3.95 -13.26
N LYS A 391 32.77 -2.87 -12.71
CA LYS A 391 33.54 -1.77 -12.17
C LYS A 391 33.48 -1.73 -10.65
N ASN A 392 33.00 -2.80 -10.02
CA ASN A 392 32.95 -2.90 -8.56
C ASN A 392 32.21 -1.71 -7.94
N ILE A 393 31.14 -1.29 -8.61
CA ILE A 393 30.41 -0.08 -8.24
C ILE A 393 29.22 -0.47 -7.38
N THR A 394 29.16 0.07 -6.17
CA THR A 394 28.07 -0.21 -5.24
C THR A 394 26.87 0.67 -5.59
N TYR A 395 25.74 0.04 -5.90
CA TYR A 395 24.54 0.80 -6.21
C TYR A 395 24.08 1.59 -5.00
N GLN A 396 23.72 2.86 -5.23
CA GLN A 396 23.20 3.73 -4.18
C GLN A 396 21.80 4.17 -4.54
N GLN A 397 20.88 4.00 -3.60
CA GLN A 397 19.55 4.57 -3.72
C GLN A 397 19.63 6.09 -3.76
N ARG A 398 18.65 6.71 -4.39
CA ARG A 398 18.69 8.17 -4.53
C ARG A 398 18.02 8.91 -3.38
N TRP A 399 16.90 8.40 -2.87
CA TRP A 399 16.05 9.17 -1.97
C TRP A 399 15.90 8.55 -0.61
N PHE A 400 16.45 7.36 -0.39
CA PHE A 400 16.41 6.64 0.88
C PHE A 400 17.80 6.09 1.18
N LYS A 401 18.06 5.88 2.46
CA LYS A 401 19.26 5.19 2.90
C LYS A 401 18.89 4.23 4.03
N LYS A 402 19.46 3.03 4.01
CA LYS A 402 19.15 2.07 5.06
C LYS A 402 19.81 2.53 6.36
N GLU A 403 19.02 2.59 7.43
CA GLU A 403 19.49 2.99 8.74
C GLU A 403 18.86 2.08 9.78
N ILE A 404 19.31 2.22 11.03
CA ILE A 404 18.73 1.49 12.15
C ILE A 404 17.73 2.40 12.83
N HIS A 405 16.49 1.93 12.96
CA HIS A 405 15.47 2.77 13.56
C HIS A 405 15.70 2.88 15.06
N PRO A 406 15.59 4.10 15.62
CA PRO A 406 15.91 4.26 17.05
C PRO A 406 14.95 3.57 17.99
N VAL A 407 13.71 3.30 17.59
CA VAL A 407 12.74 2.66 18.49
C VAL A 407 12.71 1.15 18.30
N THR A 408 12.53 0.69 17.06
CA THR A 408 12.46 -0.75 16.80
C THR A 408 13.82 -1.41 16.79
N LYS A 409 14.89 -0.65 16.58
CA LYS A 409 16.24 -1.16 16.38
C LYS A 409 16.33 -2.08 15.17
N CYS A 410 15.39 -1.95 14.24
CA CYS A 410 15.40 -2.68 12.98
C CYS A 410 15.96 -1.80 11.87
N ASP A 411 16.58 -2.43 10.87
CA ASP A 411 16.89 -1.75 9.62
C ASP A 411 15.61 -1.22 9.00
N TYR A 412 15.67 0.01 8.50
CA TYR A 412 14.56 0.58 7.74
C TYR A 412 15.13 1.53 6.70
N TRP A 413 14.29 1.90 5.75
CA TRP A 413 14.71 2.81 4.69
C TRP A 413 14.31 4.22 5.09
N LYS A 414 15.31 5.03 5.43
CA LYS A 414 15.09 6.39 5.91
C LYS A 414 15.08 7.35 4.72
N PHE A 415 13.93 7.97 4.49
CA PHE A 415 13.81 9.03 3.50
C PHE A 415 14.82 10.13 3.80
N ASN A 416 15.54 10.59 2.77
CA ASN A 416 16.58 11.59 3.02
C ASN A 416 16.05 13.02 3.07
N GLY A 417 14.75 13.21 2.89
CA GLY A 417 14.12 14.52 3.04
C GLY A 417 14.32 15.49 1.90
N GLU A 418 14.92 15.04 0.79
CA GLU A 418 15.29 15.95 -0.30
C GLU A 418 14.31 15.97 -1.46
N TYR A 419 13.53 14.91 -1.65
CA TYR A 419 12.80 14.78 -2.91
C TYR A 419 11.87 15.95 -3.17
N TRP A 420 11.04 16.31 -2.19
CA TRP A 420 10.01 17.31 -2.45
C TRP A 420 10.62 18.70 -2.62
N LYS A 421 11.68 19.02 -1.87
CA LYS A 421 12.35 20.31 -2.04
C LYS A 421 13.00 20.40 -3.41
N GLN A 422 13.74 19.36 -3.81
CA GLN A 422 14.37 19.38 -5.12
C GLN A 422 13.34 19.41 -6.23
N ARG A 423 12.20 18.75 -6.02
CA ARG A 423 11.09 18.83 -6.97
C ARG A 423 10.54 20.24 -7.05
N ARG A 424 10.28 20.85 -5.90
CA ARG A 424 9.84 22.25 -5.84
C ARG A 424 10.75 23.17 -6.64
N ASP A 425 12.06 22.92 -6.58
CA ASP A 425 13.05 23.81 -7.18
C ASP A 425 13.45 23.38 -8.59
N HIS A 426 12.72 22.43 -9.18
CA HIS A 426 12.91 22.04 -10.57
C HIS A 426 14.29 21.46 -10.81
N LYS A 427 14.76 20.63 -9.87
CA LYS A 427 16.11 20.09 -9.91
C LYS A 427 16.14 18.59 -10.22
N LEU A 428 15.06 18.04 -10.78
CA LEU A 428 14.97 16.60 -10.97
C LEU A 428 15.29 16.11 -12.38
N ALA A 429 15.50 17.03 -13.33
CA ALA A 429 15.51 16.63 -14.74
C ALA A 429 16.55 15.56 -15.06
N ASP A 430 17.64 15.49 -14.29
CA ASP A 430 18.66 14.48 -14.53
C ASP A 430 18.78 13.49 -13.38
N GLU A 431 17.71 13.32 -12.61
CA GLU A 431 17.68 12.35 -11.50
C GLU A 431 17.17 11.00 -11.99
N GLY A 432 18.01 10.34 -12.77
CA GLY A 432 17.70 9.00 -13.23
C GLY A 432 17.37 8.95 -14.71
N ASP A 433 17.66 7.81 -15.33
CA ASP A 433 17.40 7.61 -16.76
C ASP A 433 17.20 6.09 -16.96
N ILE A 434 15.95 5.65 -16.79
CA ILE A 434 15.65 4.22 -16.69
C ILE A 434 14.59 3.75 -17.69
N PHE A 435 13.91 4.68 -18.36
CA PHE A 435 12.84 4.32 -19.29
C PHE A 435 13.27 4.49 -20.76
C1 ERG B . -1.45 -6.53 -0.93
C2 ERG B . -1.49 -5.21 -0.19
C3 ERG B . -0.06 -4.79 0.04
C4 ERG B . 0.67 -4.63 -1.29
C5 ERG B . 0.55 -5.78 -2.12
C6 ERG B . 1.60 -6.10 -2.98
C7 ERG B . 1.55 -7.18 -3.88
C8 ERG B . 0.41 -7.98 -3.97
C9 ERG B . -0.59 -7.83 -2.96
C10 ERG B . -0.69 -6.44 -2.27
C11 ERG B . -2.03 -8.38 -3.38
C12 ERG B . -1.95 -9.67 -4.19
C13 ERG B . -1.02 -9.43 -5.40
C14 ERG B . 0.37 -9.18 -4.79
C15 ERG B . 1.27 -9.22 -6.00
C16 ERG B . 0.65 -10.34 -6.89
C17 ERG B . -0.70 -10.70 -6.20
C18 ERG B . -1.52 -8.30 -6.32
C19 ERG B . -1.47 -5.50 -3.23
C20 ERG B . -1.70 -11.19 -7.27
C21 ERG B . -3.09 -11.50 -6.71
C22 ERG B . -1.11 -12.45 -7.85
C23 ERG B . -0.65 -12.49 -9.27
C24 ERG B . -0.02 -13.77 -9.84
C25 ERG B . -0.57 -14.00 -11.26
C26 ERG B . -2.09 -14.18 -11.15
C27 ERG B . 0.01 -15.26 -11.90
C28 ERG B . 1.48 -13.55 -9.84
O1 ERG B . -0.01 -3.53 0.81
S SO4 C . -8.10 -25.20 -5.41
O1 SO4 C . -8.54 -24.80 -6.74
O2 SO4 C . -8.49 -24.17 -4.43
O3 SO4 C . -8.71 -26.48 -5.07
O4 SO4 C . -6.64 -25.38 -5.43
S SO4 D . -0.47 -2.99 -30.15
O1 SO4 D . 0.16 -3.00 -31.47
O2 SO4 D . -1.61 -2.08 -30.13
O3 SO4 D . -0.94 -4.35 -29.83
O4 SO4 D . 0.51 -2.56 -29.16
S SO4 E . 23.86 -12.43 -16.11
O1 SO4 E . 24.37 -11.95 -17.40
O2 SO4 E . 22.75 -11.57 -15.69
O3 SO4 E . 23.38 -13.80 -16.25
O4 SO4 E . 24.92 -12.38 -15.11
S SO4 F . 17.37 -9.44 -14.41
O1 SO4 F . 17.38 -9.46 -15.87
O2 SO4 F . 16.63 -8.29 -13.93
O3 SO4 F . 16.68 -10.64 -13.92
O4 SO4 F . 18.74 -9.42 -13.91
#